data_7FNV
#
_entry.id   7FNV
#
_cell.length_a   88.804
_cell.length_b   81.868
_cell.length_c   93.2
_cell.angle_alpha   90
_cell.angle_beta   108.07
_cell.angle_gamma   90
#
_symmetry.space_group_name_H-M   'C 1 2 1'
#
loop_
_entity.id
_entity.type
_entity.pdbx_description
1 polymer 'Pre-mRNA-splicing factor 8'
2 polymer 'A1 cistron-splicing factor AAR2'
3 non-polymer N-(4-nitrophenyl)acetamide
4 water water
#
loop_
_entity_poly.entity_id
_entity_poly.type
_entity_poly.pdbx_seq_one_letter_code
_entity_poly.pdbx_strand_id
1 'polypeptide(L)'
;GAMNSSNYAELFNNDIKLFVDDTNVYRVTVHKTFEGNVATKAINGCIFTLNPKTGHLFLKIIHTSVWAGQKRLSQLAKWK
TAEEVSALVRSLPKEEQPKQIIVTRKAMLDPLEVHMLDFPNIAIRPTELRLPFSAAMSIDKLSDVVMKATEPQMVLFNIY
DDWLDRISSYTAFSRLTLLLRALKTNEESAKMILLSDPTITIKSYHLWPSFTDEQWITIESQMRDLILTEYGRKYNVNIS
ALTQTEIKDIILGQNIKA
;
A
2 'polypeptide(L)'
;GAMAMNTVPFTSAPIEVTIGIDQYSFNVKENQPFHGIKDIPIGHVHVIHFQHADNSSMRYGYWFDCRMGNFYIQYDPKDG
LYKMMEERDGAKFENIVHNFKERQMMVSYPKIDEDDTWYNLTEFVQMDKIRKIVRKDENQFSYVDSSMTTVQENELSSSS
SDPAHSLNYTVINFKSREAIRPGHEMEDFLDKSYYLNTVMLQGIFKNSSNYFGELQFAFLNAMFFGNYGSSLQWHAMIEL
ICSSATVPKHMLDKLDEILYYQIKTLPEQYSDILLNERVWNICLYSSFQKNSLHNTEKIMENKYPELL
;
B
#
loop_
_chem_comp.id
_chem_comp.type
_chem_comp.name
_chem_comp.formula
VYZ non-polymer N-(4-nitrophenyl)acetamide 'C8 H8 N2 O3'
#
# COMPACT_ATOMS: atom_id res chain seq x y z
N GLY A 1 7.51 6.62 -13.38
CA GLY A 1 7.70 7.12 -12.03
C GLY A 1 7.56 8.63 -11.91
N ALA A 2 8.40 9.25 -11.08
CA ALA A 2 8.27 10.67 -10.79
C ALA A 2 8.85 11.53 -11.91
N MET A 3 8.23 12.69 -12.10
CA MET A 3 8.57 13.60 -13.18
C MET A 3 9.57 14.65 -12.68
N ASN A 4 10.67 14.85 -13.42
CA ASN A 4 11.74 15.72 -12.94
C ASN A 4 12.42 16.38 -14.15
N SER A 5 13.55 17.08 -13.86
CA SER A 5 14.27 17.82 -14.90
C SER A 5 14.71 16.93 -16.04
N SER A 6 14.93 15.64 -15.79
CA SER A 6 15.53 14.76 -16.78
C SER A 6 14.54 14.39 -17.88
N ASN A 7 13.27 14.21 -17.53
CA ASN A 7 12.25 13.83 -18.50
C ASN A 7 11.27 14.97 -18.75
N TYR A 8 11.80 16.18 -18.93
CA TYR A 8 10.98 17.39 -19.01
C TYR A 8 10.28 17.53 -20.36
N ALA A 9 10.94 17.12 -21.44
CA ALA A 9 10.30 17.24 -22.74
C ALA A 9 9.12 16.28 -22.90
N GLU A 10 8.98 15.31 -22.01
CA GLU A 10 7.83 14.42 -22.10
C GLU A 10 6.51 15.19 -21.98
N LEU A 11 6.52 16.31 -21.27
CA LEU A 11 5.33 17.15 -21.15
C LEU A 11 4.79 17.62 -22.49
N PHE A 12 5.62 17.68 -23.52
CA PHE A 12 5.21 18.30 -24.78
C PHE A 12 5.13 17.29 -25.92
N ASN A 13 5.18 15.99 -25.61
CA ASN A 13 4.95 14.98 -26.62
C ASN A 13 3.47 14.86 -26.88
N ASN A 14 3.08 13.88 -27.69
CA ASN A 14 1.70 13.80 -28.17
C ASN A 14 0.85 12.80 -27.39
N ASP A 15 1.31 12.37 -26.20
CA ASP A 15 0.51 11.59 -25.29
C ASP A 15 -0.27 12.58 -24.39
N ILE A 16 -1.59 12.49 -24.38
CA ILE A 16 -2.37 13.45 -23.60
C ILE A 16 -2.02 13.30 -22.13
N LYS A 17 -1.74 14.42 -21.46
CA LYS A 17 -1.51 14.38 -20.03
C LYS A 17 -2.06 15.64 -19.38
N LEU A 18 -2.35 15.52 -18.09
CA LEU A 18 -2.84 16.66 -17.30
C LEU A 18 -2.03 16.78 -16.02
N PHE A 19 -1.66 18.00 -15.70
CA PHE A 19 -1.25 18.34 -14.34
C PHE A 19 -2.48 18.59 -13.50
N VAL A 20 -2.47 18.12 -12.26
CA VAL A 20 -3.50 18.49 -11.28
C VAL A 20 -2.81 19.16 -10.11
N ASP A 21 -3.25 20.37 -9.76
CA ASP A 21 -2.77 21.07 -8.57
C ASP A 21 -3.96 21.31 -7.64
N ASP A 22 -3.84 20.85 -6.40
CA ASP A 22 -4.89 20.98 -5.38
C ASP A 22 -4.65 22.08 -4.33
N THR A 23 -3.61 22.91 -4.52
N THR A 23 -3.65 22.96 -4.52
CA THR A 23 -3.25 23.85 -3.47
CA THR A 23 -3.26 23.85 -3.43
C THR A 23 -4.43 24.74 -3.11
C THR A 23 -4.25 24.99 -3.20
N ASN A 24 -5.18 25.20 -4.12
CA ASN A 24 -6.21 26.23 -3.93
C ASN A 24 -7.62 25.66 -3.80
N VAL A 25 -7.74 24.39 -3.43
CA VAL A 25 -9.05 23.76 -3.34
C VAL A 25 -9.72 24.18 -2.05
N TYR A 26 -9.02 24.02 -0.92
CA TYR A 26 -9.53 24.37 0.41
C TYR A 26 -8.80 25.63 0.85
N ARG A 27 -9.52 26.76 0.87
CA ARG A 27 -8.94 28.05 1.22
C ARG A 27 -9.73 28.64 2.38
N VAL A 28 -9.02 29.24 3.33
CA VAL A 28 -9.64 29.84 4.50
C VAL A 28 -9.01 31.19 4.85
N THR A 29 -9.81 32.00 5.54
CA THR A 29 -9.32 33.13 6.32
C THR A 29 -9.37 32.72 7.79
N VAL A 30 -8.33 33.08 8.53
CA VAL A 30 -8.25 32.79 9.96
C VAL A 30 -8.54 34.09 10.70
N HIS A 31 -9.43 34.04 11.69
CA HIS A 31 -9.86 35.24 12.39
C HIS A 31 -10.11 34.95 13.86
N LYS A 32 -10.19 36.02 14.66
CA LYS A 32 -10.55 35.91 16.07
C LYS A 32 -12.07 35.90 16.26
N THR A 33 -12.53 35.11 17.22
CA THR A 33 -13.94 35.13 17.61
C THR A 33 -14.20 36.17 18.71
N PHE A 34 -15.48 36.45 18.96
CA PHE A 34 -15.81 37.42 20.00
C PHE A 34 -15.26 37.01 21.36
N GLU A 35 -15.16 35.70 21.61
CA GLU A 35 -14.59 35.21 22.86
C GLU A 35 -13.08 35.25 22.86
N GLY A 36 -12.47 35.68 21.74
CA GLY A 36 -11.02 35.68 21.61
C GLY A 36 -10.42 34.34 21.25
N ASN A 37 -11.21 33.42 20.74
CA ASN A 37 -10.69 32.19 20.18
C ASN A 37 -10.40 32.45 18.71
N VAL A 38 -9.84 31.44 18.03
CA VAL A 38 -9.55 31.54 16.62
C VAL A 38 -10.50 30.61 15.88
N ALA A 39 -10.94 31.05 14.71
CA ALA A 39 -11.78 30.25 13.84
C ALA A 39 -11.39 30.49 12.40
N THR A 40 -11.80 29.56 11.54
CA THR A 40 -11.60 29.72 10.11
C THR A 40 -12.93 29.98 9.42
N LYS A 41 -12.85 30.71 8.32
CA LYS A 41 -13.96 30.87 7.39
C LYS A 41 -13.49 30.44 6.00
N ALA A 42 -14.10 29.40 5.46
CA ALA A 42 -13.76 28.97 4.11
C ALA A 42 -14.14 30.04 3.09
N ILE A 43 -13.32 30.15 2.04
CA ILE A 43 -13.68 30.92 0.85
C ILE A 43 -13.61 29.99 -0.37
N ASN A 44 -14.19 30.43 -1.47
CA ASN A 44 -14.25 29.58 -2.66
C ASN A 44 -12.84 29.23 -3.12
N GLY A 45 -12.70 27.99 -3.60
CA GLY A 45 -11.42 27.53 -4.14
C GLY A 45 -11.54 26.95 -5.54
N CYS A 46 -10.48 26.28 -6.00
CA CYS A 46 -10.51 25.76 -7.35
C CYS A 46 -9.51 24.64 -7.46
N ILE A 47 -9.83 23.69 -8.34
CA ILE A 47 -8.87 22.70 -8.83
C ILE A 47 -8.26 23.23 -10.11
N PHE A 48 -6.92 23.13 -10.22
CA PHE A 48 -6.16 23.63 -11.37
C PHE A 48 -5.69 22.41 -12.15
N THR A 49 -6.34 22.13 -13.27
CA THR A 49 -6.11 20.93 -14.07
C THR A 49 -5.71 21.39 -15.47
N LEU A 50 -4.47 21.12 -15.87
CA LEU A 50 -3.87 21.81 -17.01
C LEU A 50 -3.25 20.80 -17.98
N ASN A 51 -3.59 20.91 -19.26
CA ASN A 51 -2.87 20.22 -20.34
C ASN A 51 -1.68 21.09 -20.74
N PRO A 52 -0.45 20.70 -20.41
CA PRO A 52 0.71 21.55 -20.69
C PRO A 52 1.05 21.64 -22.17
N LYS A 53 0.54 20.73 -22.99
CA LYS A 53 0.81 20.78 -24.44
C LYS A 53 -0.10 21.79 -25.13
N THR A 54 -1.37 21.82 -24.77
CA THR A 54 -2.34 22.66 -25.45
C THR A 54 -2.67 23.94 -24.69
N GLY A 55 -2.37 24.00 -23.40
CA GLY A 55 -2.78 25.15 -22.60
C GLY A 55 -4.18 25.06 -22.07
N HIS A 56 -4.94 24.04 -22.45
CA HIS A 56 -6.31 23.93 -21.96
C HIS A 56 -6.31 23.74 -20.45
N LEU A 57 -7.06 24.60 -19.76
CA LEU A 57 -7.19 24.62 -18.30
C LEU A 57 -8.64 24.29 -17.96
N PHE A 58 -8.84 23.29 -17.14
CA PHE A 58 -10.15 22.87 -16.68
C PHE A 58 -10.22 23.39 -15.25
N LEU A 59 -10.84 24.55 -15.04
CA LEU A 59 -10.84 25.16 -13.69
C LEU A 59 -12.15 24.79 -13.02
N LYS A 60 -12.09 23.84 -12.10
CA LYS A 60 -13.27 23.42 -11.36
C LYS A 60 -13.37 24.29 -10.12
N ILE A 61 -14.41 25.10 -10.05
CA ILE A 61 -14.58 25.96 -8.90
C ILE A 61 -15.22 25.17 -7.74
N ILE A 62 -14.62 25.30 -6.56
CA ILE A 62 -15.01 24.59 -5.34
C ILE A 62 -15.72 25.62 -4.48
N HIS A 63 -17.04 25.52 -4.44
CA HIS A 63 -17.84 26.45 -3.67
C HIS A 63 -17.85 26.05 -2.19
N THR A 64 -17.89 27.04 -1.30
CA THR A 64 -17.72 26.77 0.12
C THR A 64 -18.82 25.87 0.68
N SER A 65 -19.95 25.77 -0.02
CA SER A 65 -21.02 24.87 0.45
C SER A 65 -20.56 23.41 0.48
N VAL A 66 -19.56 23.03 -0.31
N VAL A 66 -19.55 23.06 -0.32
CA VAL A 66 -19.13 21.65 -0.29
CA VAL A 66 -18.98 21.72 -0.34
C VAL A 66 -18.48 21.25 1.04
C VAL A 66 -18.56 21.29 1.06
N TRP A 67 -18.04 22.23 1.84
CA TRP A 67 -17.45 21.91 3.13
C TRP A 67 -18.46 21.89 4.28
N ALA A 68 -19.69 22.33 4.06
CA ALA A 68 -20.66 22.45 5.16
C ALA A 68 -20.89 21.11 5.86
N GLY A 69 -20.67 21.09 7.16
CA GLY A 69 -20.98 19.93 7.98
C GLY A 69 -19.95 18.84 7.88
N GLN A 70 -18.85 19.11 7.19
CA GLN A 70 -17.80 18.12 7.03
C GLN A 70 -16.67 18.35 8.02
N LYS A 71 -16.02 17.25 8.38
CA LYS A 71 -14.86 17.24 9.26
C LYS A 71 -13.58 16.99 8.46
N ARG A 72 -12.46 17.32 9.09
CA ARG A 72 -11.12 17.04 8.55
C ARG A 72 -11.00 17.54 7.12
N LEU A 73 -11.22 18.85 6.96
CA LEU A 73 -11.45 19.40 5.63
C LEU A 73 -10.18 19.30 4.77
N SER A 74 -9.00 19.49 5.36
CA SER A 74 -7.81 19.35 4.53
C SER A 74 -7.68 17.95 3.95
N GLN A 75 -8.10 16.91 4.69
CA GLN A 75 -8.08 15.57 4.12
C GLN A 75 -9.19 15.41 3.08
N LEU A 76 -10.39 15.89 3.39
CA LEU A 76 -11.48 15.76 2.45
C LEU A 76 -11.15 16.46 1.13
N ALA A 77 -10.46 17.60 1.21
CA ALA A 77 -10.11 18.37 0.02
C ALA A 77 -9.32 17.55 -0.99
N LYS A 78 -8.41 16.69 -0.52
CA LYS A 78 -7.71 15.84 -1.47
C LYS A 78 -8.65 14.87 -2.17
N TRP A 79 -9.57 14.26 -1.42
CA TRP A 79 -10.51 13.30 -1.98
C TRP A 79 -11.54 13.96 -2.90
N LYS A 80 -12.01 15.14 -2.52
CA LYS A 80 -12.87 15.93 -3.41
C LYS A 80 -12.16 16.25 -4.74
N THR A 81 -10.91 16.68 -4.66
CA THR A 81 -10.10 16.89 -5.86
C THR A 81 -10.09 15.64 -6.73
N ALA A 82 -9.79 14.49 -6.11
CA ALA A 82 -9.72 13.27 -6.90
C ALA A 82 -11.07 12.91 -7.48
N GLU A 83 -12.15 13.10 -6.72
CA GLU A 83 -13.51 12.86 -7.22
C GLU A 83 -13.78 13.71 -8.47
N GLU A 84 -13.48 15.00 -8.38
CA GLU A 84 -13.73 15.90 -9.50
C GLU A 84 -12.85 15.61 -10.72
N VAL A 85 -11.58 15.25 -10.49
CA VAL A 85 -10.69 14.91 -11.62
C VAL A 85 -11.21 13.66 -12.31
N SER A 86 -11.62 12.64 -11.52
N SER A 86 -11.59 12.64 -11.51
CA SER A 86 -12.14 11.43 -12.15
CA SER A 86 -12.17 11.43 -12.07
C SER A 86 -13.49 11.68 -12.84
C SER A 86 -13.44 11.73 -12.85
N ALA A 87 -14.32 12.59 -12.32
CA ALA A 87 -15.55 12.94 -13.06
C ALA A 87 -15.23 13.66 -14.36
N LEU A 88 -14.21 14.51 -14.35
CA LEU A 88 -13.78 15.19 -15.58
C LEU A 88 -13.32 14.17 -16.61
N VAL A 89 -12.47 13.23 -16.20
CA VAL A 89 -11.99 12.24 -17.16
C VAL A 89 -13.17 11.48 -17.75
N ARG A 90 -14.09 11.03 -16.89
CA ARG A 90 -15.24 10.26 -17.37
C ARG A 90 -16.11 11.06 -18.32
N SER A 91 -16.13 12.39 -18.15
CA SER A 91 -16.90 13.26 -19.03
C SER A 91 -16.25 13.42 -20.40
N LEU A 92 -14.96 13.08 -20.56
CA LEU A 92 -14.32 13.34 -21.83
C LEU A 92 -14.50 12.13 -22.75
N PRO A 93 -14.61 12.36 -24.06
CA PRO A 93 -14.52 11.25 -25.01
C PRO A 93 -13.24 10.46 -24.78
N LYS A 94 -13.30 9.16 -25.09
CA LYS A 94 -12.16 8.28 -24.87
C LYS A 94 -10.89 8.84 -25.48
N GLU A 95 -10.99 9.34 -26.72
CA GLU A 95 -9.80 9.83 -27.41
C GLU A 95 -9.24 11.12 -26.82
N GLU A 96 -10.00 11.81 -25.96
CA GLU A 96 -9.49 12.97 -25.23
C GLU A 96 -9.04 12.67 -23.81
N GLN A 97 -9.28 11.46 -23.30
CA GLN A 97 -8.87 11.17 -21.94
C GLN A 97 -7.33 11.10 -21.84
N PRO A 98 -6.78 11.53 -20.71
CA PRO A 98 -5.32 11.55 -20.57
C PRO A 98 -4.79 10.15 -20.41
N LYS A 99 -3.55 9.96 -20.86
N LYS A 99 -3.55 9.95 -20.87
CA LYS A 99 -2.84 8.71 -20.56
CA LYS A 99 -2.82 8.72 -20.58
C LYS A 99 -2.02 8.79 -19.28
C LYS A 99 -2.09 8.79 -19.25
N GLN A 100 -1.75 10.00 -18.79
CA GLN A 100 -1.08 10.22 -17.52
C GLN A 100 -1.72 11.44 -16.85
N ILE A 101 -1.78 11.39 -15.53
CA ILE A 101 -2.15 12.55 -14.69
C ILE A 101 -0.99 12.76 -13.73
N ILE A 102 -0.38 13.93 -13.77
CA ILE A 102 0.73 14.28 -12.88
C ILE A 102 0.21 15.19 -11.76
N VAL A 103 0.33 14.75 -10.50
CA VAL A 103 -0.12 15.55 -9.36
C VAL A 103 1.05 16.37 -8.83
N THR A 104 0.80 17.62 -8.50
CA THR A 104 1.89 18.48 -8.04
C THR A 104 2.26 18.22 -6.58
N ARG A 105 1.41 17.55 -5.82
CA ARG A 105 1.67 17.20 -4.42
C ARG A 105 1.47 15.71 -4.17
N LYS A 106 2.46 15.06 -3.53
CA LYS A 106 2.42 13.61 -3.39
C LYS A 106 1.21 13.12 -2.61
N ALA A 107 0.66 13.96 -1.73
CA ALA A 107 -0.50 13.55 -0.95
C ALA A 107 -1.74 13.32 -1.82
N MET A 108 -1.71 13.74 -3.10
CA MET A 108 -2.81 13.45 -4.01
C MET A 108 -2.71 12.08 -4.67
N LEU A 109 -1.62 11.33 -4.48
CA LEU A 109 -1.47 10.10 -5.24
C LEU A 109 -2.49 9.05 -4.85
N ASP A 110 -2.60 8.74 -3.55
CA ASP A 110 -3.54 7.69 -3.16
C ASP A 110 -4.98 8.10 -3.44
N PRO A 111 -5.43 9.31 -3.10
CA PRO A 111 -6.82 9.65 -3.42
C PRO A 111 -7.12 9.53 -4.91
N LEU A 112 -6.22 10.00 -5.79
CA LEU A 112 -6.50 9.94 -7.21
C LEU A 112 -6.42 8.51 -7.72
N GLU A 113 -5.44 7.74 -7.23
CA GLU A 113 -5.35 6.35 -7.66
C GLU A 113 -6.62 5.58 -7.33
N VAL A 114 -7.16 5.76 -6.12
CA VAL A 114 -8.37 5.06 -5.72
C VAL A 114 -9.55 5.51 -6.55
N HIS A 115 -9.66 6.81 -6.82
CA HIS A 115 -10.79 7.26 -7.63
C HIS A 115 -10.69 6.85 -9.09
N MET A 116 -9.49 6.49 -9.56
CA MET A 116 -9.29 6.14 -10.96
C MET A 116 -9.10 4.64 -11.16
N LEU A 117 -9.55 3.81 -10.20
CA LEU A 117 -9.35 2.36 -10.35
C LEU A 117 -10.02 1.82 -11.62
N ASP A 118 -11.14 2.44 -12.02
CA ASP A 118 -11.80 2.11 -13.27
C ASP A 118 -10.92 2.35 -14.50
N PHE A 119 -9.80 3.08 -14.37
CA PHE A 119 -8.95 3.48 -15.48
C PHE A 119 -7.54 2.95 -15.25
N PRO A 120 -7.35 1.63 -15.26
CA PRO A 120 -6.03 1.08 -14.93
C PRO A 120 -4.92 1.52 -15.87
N ASN A 121 -5.25 1.93 -17.10
CA ASN A 121 -4.28 2.35 -18.10
C ASN A 121 -3.90 3.82 -18.00
N ILE A 122 -4.50 4.60 -17.10
CA ILE A 122 -4.09 5.99 -16.90
C ILE A 122 -3.08 6.01 -15.75
N ALA A 123 -1.85 6.42 -16.05
CA ALA A 123 -0.79 6.49 -15.06
C ALA A 123 -0.93 7.71 -14.18
N ILE A 124 -0.83 7.51 -12.87
CA ILE A 124 -0.89 8.59 -11.88
C ILE A 124 0.52 8.76 -11.35
N ARG A 125 1.10 9.95 -11.55
CA ARG A 125 2.50 10.20 -11.30
C ARG A 125 2.72 11.41 -10.41
N PRO A 126 3.71 11.35 -9.53
CA PRO A 126 4.17 12.55 -8.84
C PRO A 126 5.19 13.31 -9.69
N THR A 127 5.68 14.42 -9.13
CA THR A 127 6.77 15.15 -9.79
C THR A 127 7.72 15.71 -8.75
N GLU A 128 8.99 15.81 -9.15
N GLU A 128 9.00 15.81 -9.13
CA GLU A 128 10.03 16.46 -8.36
CA GLU A 128 9.98 16.49 -8.30
C GLU A 128 10.18 17.94 -8.71
C GLU A 128 10.13 17.96 -8.67
N LEU A 129 9.47 18.42 -9.72
CA LEU A 129 9.44 19.84 -10.01
C LEU A 129 8.63 20.59 -8.96
N ARG A 130 9.09 21.79 -8.62
CA ARG A 130 8.40 22.66 -7.66
C ARG A 130 7.63 23.69 -8.50
N LEU A 131 6.50 23.27 -9.02
CA LEU A 131 5.77 24.11 -9.97
C LEU A 131 4.94 25.16 -9.25
N PRO A 132 4.82 26.35 -9.83
CA PRO A 132 4.23 27.47 -9.11
C PRO A 132 2.72 27.62 -9.33
N PHE A 133 1.99 26.51 -9.52
CA PHE A 133 0.59 26.65 -9.89
C PHE A 133 -0.27 27.21 -8.76
N SER A 134 0.21 27.20 -7.51
CA SER A 134 -0.54 27.83 -6.43
C SER A 134 -0.84 29.29 -6.74
N ALA A 135 0.00 29.93 -7.53
CA ALA A 135 -0.20 31.33 -7.88
C ALA A 135 -1.24 31.55 -8.96
N ALA A 136 -1.98 30.52 -9.39
CA ALA A 136 -3.05 30.73 -10.35
C ALA A 136 -4.09 31.75 -9.86
N MET A 137 -4.32 31.81 -8.55
CA MET A 137 -5.29 32.78 -8.06
C MET A 137 -4.73 34.20 -8.06
N SER A 138 -3.50 34.41 -8.52
CA SER A 138 -3.00 35.76 -8.75
C SER A 138 -3.29 36.24 -10.16
N ILE A 139 -3.85 35.38 -11.01
CA ILE A 139 -4.34 35.77 -12.32
C ILE A 139 -5.74 36.35 -12.14
N ASP A 140 -5.90 37.64 -12.44
CA ASP A 140 -7.11 38.35 -12.03
C ASP A 140 -8.39 37.69 -12.52
N LYS A 141 -8.44 37.31 -13.80
CA LYS A 141 -9.69 36.73 -14.32
C LYS A 141 -9.98 35.37 -13.69
N LEU A 142 -8.95 34.60 -13.34
CA LEU A 142 -9.24 33.36 -12.64
C LEU A 142 -9.74 33.61 -11.24
N SER A 143 -9.05 34.47 -10.49
CA SER A 143 -9.52 34.83 -9.16
C SER A 143 -10.95 35.35 -9.20
N ASP A 144 -11.28 36.16 -10.22
CA ASP A 144 -12.61 36.76 -10.26
C ASP A 144 -13.70 35.72 -10.43
N VAL A 145 -13.50 34.72 -11.31
CA VAL A 145 -14.58 33.78 -11.54
C VAL A 145 -14.75 32.86 -10.33
N VAL A 146 -13.65 32.57 -9.63
CA VAL A 146 -13.74 31.74 -8.43
C VAL A 146 -14.51 32.49 -7.33
N MET A 147 -14.15 33.75 -7.12
N MET A 147 -14.16 33.75 -7.10
N MET A 147 -14.17 33.76 -7.11
CA MET A 147 -14.71 34.54 -6.02
CA MET A 147 -14.76 34.48 -5.99
CA MET A 147 -14.77 34.47 -5.98
C MET A 147 -16.18 34.86 -6.24
C MET A 147 -16.22 34.81 -6.24
C MET A 147 -16.24 34.82 -6.24
N LYS A 148 -16.63 34.98 -7.50
CA LYS A 148 -18.03 35.28 -7.82
C LYS A 148 -18.94 34.05 -7.85
N ALA A 149 -18.39 32.84 -7.88
CA ALA A 149 -19.23 31.65 -7.99
C ALA A 149 -20.16 31.52 -6.81
N THR A 150 -21.44 31.24 -7.11
CA THR A 150 -22.45 30.97 -6.09
C THR A 150 -22.83 29.51 -6.03
N GLU A 151 -22.22 28.66 -6.86
CA GLU A 151 -22.48 27.23 -6.91
C GLU A 151 -21.29 26.57 -7.57
N PRO A 152 -21.14 25.26 -7.42
CA PRO A 152 -20.09 24.54 -8.15
C PRO A 152 -20.17 24.80 -9.65
N GLN A 153 -19.00 24.96 -10.29
CA GLN A 153 -18.97 25.36 -11.68
C GLN A 153 -17.63 24.93 -12.24
N MET A 154 -17.62 24.53 -13.51
CA MET A 154 -16.39 24.29 -14.28
C MET A 154 -16.27 25.36 -15.35
N VAL A 155 -15.11 25.99 -15.42
CA VAL A 155 -14.85 27.04 -16.43
C VAL A 155 -13.60 26.63 -17.19
N LEU A 156 -13.65 26.74 -18.52
CA LEU A 156 -12.57 26.33 -19.39
C LEU A 156 -11.82 27.55 -19.90
N PHE A 157 -10.49 27.50 -19.82
CA PHE A 157 -9.64 28.57 -20.29
C PHE A 157 -8.52 27.97 -21.12
N ASN A 158 -7.85 28.82 -21.90
CA ASN A 158 -6.53 28.49 -22.47
C ASN A 158 -5.53 29.40 -21.77
N ILE A 159 -4.67 28.80 -20.95
CA ILE A 159 -3.79 29.60 -20.09
C ILE A 159 -2.64 30.18 -20.88
N TYR A 160 -2.47 29.78 -22.14
CA TYR A 160 -1.46 30.33 -23.04
C TYR A 160 -2.00 31.43 -23.95
N ASP A 161 -3.25 31.84 -23.79
CA ASP A 161 -3.89 32.80 -24.73
C ASP A 161 -3.63 32.28 -26.14
N ASP A 162 -3.08 33.10 -27.06
CA ASP A 162 -2.80 32.69 -28.42
C ASP A 162 -1.33 32.43 -28.64
N TRP A 163 -0.55 32.19 -27.56
CA TRP A 163 0.90 32.13 -27.75
C TRP A 163 1.30 31.02 -28.70
N LEU A 164 0.58 29.91 -28.72
CA LEU A 164 0.99 28.77 -29.52
C LEU A 164 0.97 29.08 -31.01
N ASP A 165 0.32 30.16 -31.43
CA ASP A 165 0.40 30.60 -32.83
C ASP A 165 1.82 31.03 -33.19
N ARG A 166 2.61 31.47 -32.21
CA ARG A 166 3.95 31.99 -32.46
C ARG A 166 5.08 31.20 -31.82
N ILE A 167 4.83 30.44 -30.74
CA ILE A 167 5.87 29.74 -30.02
C ILE A 167 5.44 28.30 -29.77
N SER A 168 6.41 27.48 -29.39
CA SER A 168 6.13 26.08 -29.11
C SER A 168 5.56 25.92 -27.69
N SER A 169 4.96 24.76 -27.45
N SER A 169 4.98 24.75 -27.44
CA SER A 169 4.45 24.44 -26.11
CA SER A 169 4.43 24.47 -26.10
C SER A 169 5.55 24.51 -25.08
C SER A 169 5.53 24.42 -25.04
N TYR A 170 6.74 23.98 -25.39
CA TYR A 170 7.84 24.06 -24.45
C TYR A 170 8.08 25.49 -24.02
N THR A 171 8.19 26.41 -25.00
CA THR A 171 8.44 27.80 -24.69
C THR A 171 7.25 28.43 -23.96
N ALA A 172 6.04 28.06 -24.35
CA ALA A 172 4.85 28.60 -23.66
C ALA A 172 4.79 28.17 -22.20
N PHE A 173 5.08 26.89 -21.93
CA PHE A 173 5.08 26.45 -20.55
C PHE A 173 6.16 27.16 -19.75
N SER A 174 7.34 27.36 -20.37
CA SER A 174 8.41 28.08 -19.70
C SER A 174 8.01 29.51 -19.36
N ARG A 175 7.30 30.18 -20.27
CA ARG A 175 6.82 31.52 -19.97
C ARG A 175 5.79 31.48 -18.86
N LEU A 176 4.90 30.49 -18.91
CA LEU A 176 3.85 30.44 -17.90
C LEU A 176 4.45 30.25 -16.51
N THR A 177 5.41 29.31 -16.40
CA THR A 177 5.97 29.03 -15.09
C THR A 177 6.82 30.20 -14.62
N LEU A 178 7.45 30.94 -15.53
CA LEU A 178 8.16 32.15 -15.11
C LEU A 178 7.19 33.20 -14.57
N LEU A 179 6.10 33.44 -15.29
CA LEU A 179 5.12 34.42 -14.83
C LEU A 179 4.57 34.03 -13.47
N LEU A 180 4.24 32.75 -13.32
CA LEU A 180 3.62 32.30 -12.09
C LEU A 180 4.62 32.30 -10.92
N ARG A 181 5.86 31.87 -11.17
CA ARG A 181 6.90 31.97 -10.16
C ARG A 181 7.06 33.42 -9.68
N ALA A 182 7.03 34.38 -10.60
CA ALA A 182 7.17 35.79 -10.21
C ALA A 182 6.00 36.22 -9.35
N LEU A 183 4.79 35.94 -9.81
CA LEU A 183 3.58 36.27 -9.04
C LEU A 183 3.60 35.65 -7.66
N LYS A 184 4.19 34.46 -7.52
CA LYS A 184 4.25 33.80 -6.23
C LYS A 184 5.29 34.43 -5.31
N THR A 185 6.39 34.94 -5.86
N THR A 185 6.38 34.95 -5.87
CA THR A 185 7.46 35.48 -5.01
CA THR A 185 7.46 35.48 -5.04
C THR A 185 7.16 36.92 -4.59
C THR A 185 7.20 36.92 -4.62
N ASN A 186 6.62 37.74 -5.51
CA ASN A 186 6.27 39.12 -5.18
C ASN A 186 5.11 39.51 -6.11
N GLU A 187 3.90 39.26 -5.64
CA GLU A 187 2.72 39.48 -6.47
C GLU A 187 2.60 40.94 -6.92
N GLU A 188 2.78 41.88 -6.00
CA GLU A 188 2.60 43.29 -6.35
C GLU A 188 3.56 43.69 -7.46
N SER A 189 4.85 43.38 -7.29
CA SER A 189 5.82 43.74 -8.31
C SER A 189 5.51 43.08 -9.65
N ALA A 190 5.29 41.75 -9.63
CA ALA A 190 4.95 41.04 -10.85
C ALA A 190 3.78 41.71 -11.57
N LYS A 191 2.72 42.00 -10.83
CA LYS A 191 1.54 42.60 -11.45
C LYS A 191 1.86 44.00 -11.98
N MET A 192 2.71 44.76 -11.28
CA MET A 192 3.14 46.04 -11.81
CA MET A 192 3.17 46.04 -11.79
C MET A 192 3.86 45.87 -13.14
N ILE A 193 4.81 44.93 -13.21
CA ILE A 193 5.50 44.67 -14.47
C ILE A 193 4.51 44.42 -15.59
N LEU A 194 3.48 43.62 -15.31
CA LEU A 194 2.62 43.13 -16.40
C LEU A 194 1.70 44.22 -16.94
N LEU A 195 1.39 45.23 -16.13
CA LEU A 195 0.39 46.23 -16.53
C LEU A 195 0.94 47.64 -16.55
N SER A 196 2.22 47.85 -16.22
CA SER A 196 2.78 49.20 -16.12
C SER A 196 2.39 50.06 -17.32
N ASP A 197 2.52 49.51 -18.53
CA ASP A 197 2.27 50.25 -19.76
C ASP A 197 0.81 50.12 -20.17
N PRO A 198 -0.02 51.15 -19.99
CA PRO A 198 -1.46 50.97 -20.25
C PRO A 198 -1.83 50.89 -21.73
N THR A 199 -0.88 51.04 -22.66
CA THR A 199 -1.21 50.85 -24.07
C THR A 199 -1.23 49.38 -24.47
N ILE A 200 -0.79 48.48 -23.58
CA ILE A 200 -0.84 47.04 -23.82
C ILE A 200 -1.98 46.50 -22.98
N THR A 201 -2.98 45.94 -23.63
CA THR A 201 -4.21 45.55 -22.96
C THR A 201 -4.34 44.03 -22.94
N ILE A 202 -5.30 43.56 -22.13
CA ILE A 202 -5.69 42.15 -22.09
C ILE A 202 -6.97 42.00 -22.91
N LYS A 203 -6.92 41.20 -23.97
CA LYS A 203 -8.12 41.02 -24.75
C LYS A 203 -9.20 40.39 -23.89
N SER A 204 -10.47 40.67 -24.23
CA SER A 204 -11.57 40.11 -23.46
C SER A 204 -11.47 38.58 -23.34
N TYR A 205 -10.99 37.90 -24.38
CA TYR A 205 -10.91 36.44 -24.39
C TYR A 205 -9.54 35.91 -23.93
N HIS A 206 -8.74 36.75 -23.29
CA HIS A 206 -7.40 36.38 -22.85
C HIS A 206 -7.22 36.60 -21.37
N LEU A 207 -6.15 36.01 -20.84
CA LEU A 207 -5.79 36.15 -19.45
C LEU A 207 -4.65 37.14 -19.24
N TRP A 208 -3.74 37.24 -20.20
CA TRP A 208 -2.50 37.98 -20.11
C TRP A 208 -2.51 39.10 -21.16
N PRO A 209 -1.65 40.09 -21.01
CA PRO A 209 -1.61 41.19 -21.98
C PRO A 209 -1.12 40.78 -23.35
N SER A 210 -1.49 41.59 -24.34
CA SER A 210 -1.18 41.31 -25.76
C SER A 210 0.20 41.86 -26.12
N PHE A 211 1.23 41.25 -25.56
CA PHE A 211 2.60 41.69 -25.83
C PHE A 211 3.04 41.23 -27.21
N THR A 212 3.80 42.09 -27.87
CA THR A 212 4.55 41.62 -29.02
C THR A 212 5.68 40.72 -28.57
N ASP A 213 6.27 40.01 -29.55
CA ASP A 213 7.42 39.16 -29.28
C ASP A 213 8.54 39.90 -28.56
N GLU A 214 8.80 41.15 -28.95
CA GLU A 214 9.89 41.90 -28.34
C GLU A 214 9.53 42.33 -26.93
N GLN A 215 8.29 42.74 -26.71
CA GLN A 215 7.85 43.12 -25.38
C GLN A 215 7.86 41.92 -24.44
N TRP A 216 7.58 40.72 -24.95
CA TRP A 216 7.66 39.53 -24.10
C TRP A 216 9.08 39.28 -23.63
N ILE A 217 10.07 39.56 -24.48
CA ILE A 217 11.46 39.39 -24.06
C ILE A 217 11.78 40.36 -22.93
N THR A 218 11.33 41.61 -23.06
CA THR A 218 11.52 42.58 -21.99
C THR A 218 10.78 42.14 -20.73
N ILE A 219 9.49 41.80 -20.87
CA ILE A 219 8.71 41.32 -19.74
C ILE A 219 9.42 40.16 -19.05
N GLU A 220 9.77 39.13 -19.81
CA GLU A 220 10.41 37.96 -19.25
C GLU A 220 11.70 38.31 -18.52
N SER A 221 12.47 39.26 -19.08
N SER A 221 12.50 39.23 -19.11
CA SER A 221 13.70 39.67 -18.40
CA SER A 221 13.69 39.68 -18.41
C SER A 221 13.38 40.37 -17.08
C SER A 221 13.33 40.33 -17.07
N GLN A 222 12.30 41.15 -17.06
CA GLN A 222 11.91 41.83 -15.83
C GLN A 222 11.48 40.83 -14.76
N MET A 223 10.81 39.73 -15.17
CA MET A 223 10.38 38.72 -14.19
C MET A 223 11.56 37.98 -13.59
N ARG A 224 12.57 37.67 -14.41
N ARG A 224 12.59 37.70 -14.40
CA ARG A 224 13.78 37.03 -13.91
CA ARG A 224 13.77 37.02 -13.87
C ARG A 224 14.48 37.94 -12.89
C ARG A 224 14.54 37.93 -12.92
N ASP A 225 14.64 39.23 -13.24
CA ASP A 225 15.20 40.19 -12.29
CA ASP A 225 15.19 40.19 -12.29
C ASP A 225 14.44 40.15 -10.96
N LEU A 226 13.11 40.27 -11.02
CA LEU A 226 12.27 40.19 -9.82
C LEU A 226 12.62 38.97 -8.98
N ILE A 227 12.68 37.80 -9.61
CA ILE A 227 12.85 36.55 -8.87
C ILE A 227 14.24 36.48 -8.24
N LEU A 228 15.27 36.91 -8.97
CA LEU A 228 16.62 36.90 -8.40
C LEU A 228 16.73 37.91 -7.25
N THR A 229 16.19 39.11 -7.44
CA THR A 229 16.08 40.10 -6.39
C THR A 229 15.50 39.50 -5.11
N GLU A 230 14.20 39.24 -5.12
CA GLU A 230 13.51 38.65 -3.97
C GLU A 230 14.36 37.54 -3.36
N TYR A 231 15.05 36.79 -4.21
CA TYR A 231 15.97 35.78 -3.70
C TYR A 231 17.15 36.40 -2.97
N GLY A 232 17.51 37.64 -3.30
CA GLY A 232 18.46 38.42 -2.52
C GLY A 232 17.82 39.06 -1.31
N ARG A 233 16.86 39.97 -1.52
CA ARG A 233 16.08 40.55 -0.43
C ARG A 233 15.72 39.51 0.63
N LYS A 234 15.59 38.25 0.23
CA LYS A 234 15.23 37.19 1.16
C LYS A 234 16.46 36.70 1.93
N TYR A 235 17.47 36.20 1.21
CA TYR A 235 18.68 35.67 1.83
C TYR A 235 19.76 36.74 2.03
N ASN A 236 19.52 37.97 1.59
CA ASN A 236 20.51 39.04 1.67
C ASN A 236 21.77 38.64 0.90
N VAL A 237 21.75 38.84 -0.42
CA VAL A 237 22.89 38.55 -1.28
C VAL A 237 22.98 39.56 -2.41
N MET B 5 -0.78 -40.56 21.20
CA MET B 5 0.47 -39.92 20.71
C MET B 5 1.03 -40.60 19.44
N ASN B 6 1.28 -39.82 18.39
CA ASN B 6 1.63 -40.38 17.10
C ASN B 6 3.11 -40.21 16.78
N THR B 7 3.52 -40.87 15.70
CA THR B 7 4.91 -41.08 15.35
C THR B 7 5.09 -40.83 13.86
N VAL B 8 6.18 -40.17 13.52
CA VAL B 8 6.65 -40.02 12.14
C VAL B 8 8.02 -40.66 12.04
N PRO B 9 8.09 -41.89 11.55
CA PRO B 9 9.38 -42.56 11.44
C PRO B 9 10.15 -42.04 10.23
N PHE B 10 11.47 -42.24 10.28
CA PHE B 10 12.39 -41.89 9.21
C PHE B 10 13.03 -43.17 8.71
N THR B 11 13.02 -43.38 7.40
CA THR B 11 13.73 -44.55 6.89
C THR B 11 15.21 -44.53 7.31
N SER B 12 15.83 -43.36 7.25
CA SER B 12 17.23 -43.16 7.57
C SER B 12 17.54 -41.68 7.50
N ALA B 13 18.76 -41.30 7.86
CA ALA B 13 19.24 -39.92 7.74
C ALA B 13 20.57 -39.88 7.01
N PRO B 14 20.54 -39.96 5.68
CA PRO B 14 21.79 -40.04 4.92
C PRO B 14 22.58 -38.75 4.84
N ILE B 15 21.95 -37.59 5.04
CA ILE B 15 22.67 -36.33 4.99
C ILE B 15 22.43 -35.54 6.26
N GLU B 16 23.48 -34.85 6.69
CA GLU B 16 23.45 -34.03 7.88
C GLU B 16 22.46 -32.89 7.70
N VAL B 17 21.62 -32.69 8.71
CA VAL B 17 20.44 -31.86 8.55
C VAL B 17 19.98 -31.40 9.93
N THR B 18 19.51 -30.17 9.99
CA THR B 18 18.76 -29.69 11.15
C THR B 18 17.28 -29.96 10.91
N ILE B 19 16.65 -30.68 11.81
CA ILE B 19 15.26 -31.10 11.67
C ILE B 19 14.45 -30.29 12.67
N GLY B 20 13.39 -29.68 12.20
CA GLY B 20 12.42 -29.00 13.06
C GLY B 20 11.12 -29.80 13.16
N ILE B 21 10.52 -29.77 14.34
CA ILE B 21 9.17 -30.27 14.50
C ILE B 21 8.46 -29.18 15.30
N ASP B 22 7.52 -28.52 14.68
CA ASP B 22 6.83 -27.35 15.30
C ASP B 22 7.93 -26.37 15.71
N GLN B 23 7.93 -25.85 16.93
CA GLN B 23 8.88 -24.84 17.35
C GLN B 23 10.17 -25.42 17.91
N TYR B 24 10.36 -26.73 17.85
CA TYR B 24 11.55 -27.44 18.33
C TYR B 24 12.48 -27.78 17.16
N SER B 25 13.75 -28.07 17.48
CA SER B 25 14.68 -28.45 16.42
C SER B 25 15.87 -29.18 16.99
N PHE B 26 16.49 -30.01 16.15
CA PHE B 26 17.62 -30.80 16.60
C PHE B 26 18.48 -31.13 15.41
N ASN B 27 19.75 -31.39 15.68
CA ASN B 27 20.74 -31.63 14.64
C ASN B 27 20.93 -33.12 14.48
N VAL B 28 20.94 -33.59 13.23
CA VAL B 28 21.23 -34.99 12.90
C VAL B 28 22.48 -35.05 12.03
N LYS B 29 23.43 -35.92 12.40
CA LYS B 29 24.66 -36.01 11.61
C LYS B 29 24.50 -36.95 10.43
N GLU B 30 25.38 -36.79 9.44
CA GLU B 30 25.38 -37.66 8.26
C GLU B 30 25.44 -39.13 8.67
N ASN B 31 24.48 -39.91 8.18
CA ASN B 31 24.33 -41.34 8.48
C ASN B 31 24.25 -41.64 9.98
N GLN B 32 23.71 -40.73 10.77
CA GLN B 32 23.46 -41.02 12.18
C GLN B 32 22.25 -41.95 12.28
N PRO B 33 22.25 -42.88 13.25
CA PRO B 33 21.13 -43.84 13.36
C PRO B 33 19.84 -43.22 13.88
N PHE B 34 19.27 -42.32 13.11
CA PHE B 34 18.07 -41.59 13.49
C PHE B 34 16.86 -42.18 12.78
N HIS B 35 15.79 -42.53 13.52
CA HIS B 35 14.63 -43.10 12.85
C HIS B 35 13.30 -42.44 13.20
N GLY B 36 13.30 -41.19 13.67
CA GLY B 36 12.11 -40.39 13.59
C GLY B 36 11.72 -39.75 14.91
N ILE B 37 10.47 -39.29 14.95
CA ILE B 37 9.96 -38.49 16.05
C ILE B 37 8.71 -39.17 16.58
N LYS B 38 8.66 -39.38 17.91
CA LYS B 38 7.54 -40.02 18.57
C LYS B 38 6.89 -39.06 19.55
N ASP B 39 5.76 -39.50 20.14
CA ASP B 39 5.02 -38.74 21.17
C ASP B 39 4.50 -37.41 20.63
N ILE B 40 4.14 -37.39 19.35
CA ILE B 40 3.62 -36.17 18.73
C ILE B 40 2.16 -35.97 19.15
N PRO B 41 1.80 -34.81 19.70
CA PRO B 41 0.43 -34.63 20.19
C PRO B 41 -0.61 -34.69 19.10
N ILE B 42 -1.63 -35.48 19.37
CA ILE B 42 -2.80 -35.58 18.53
C ILE B 42 -3.72 -34.40 18.83
N GLY B 43 -4.35 -33.90 17.79
CA GLY B 43 -5.30 -32.83 17.91
C GLY B 43 -4.85 -31.54 17.31
N HIS B 44 -3.60 -31.46 16.83
CA HIS B 44 -3.06 -30.24 16.31
C HIS B 44 -2.49 -30.57 14.94
N VAL B 45 -2.42 -29.57 14.10
N VAL B 45 -2.50 -29.59 14.04
CA VAL B 45 -1.61 -29.66 12.88
CA VAL B 45 -1.59 -29.72 12.89
C VAL B 45 -0.15 -29.41 13.25
C VAL B 45 -0.17 -29.65 13.40
N HIS B 46 0.76 -30.10 12.55
CA HIS B 46 2.16 -30.03 12.88
C HIS B 46 2.92 -29.70 11.59
N VAL B 47 4.16 -29.27 11.76
CA VAL B 47 5.06 -29.07 10.63
C VAL B 47 6.40 -29.71 10.95
N ILE B 48 6.93 -30.50 10.02
N ILE B 48 6.89 -30.57 10.07
CA ILE B 48 8.26 -31.08 10.17
CA ILE B 48 8.25 -31.08 10.14
C ILE B 48 9.11 -30.49 9.05
C ILE B 48 9.03 -30.35 9.07
N HIS B 49 10.23 -29.90 9.43
CA HIS B 49 10.98 -29.04 8.50
C HIS B 49 12.48 -29.27 8.58
N PHE B 50 13.18 -28.84 7.53
CA PHE B 50 14.51 -29.31 7.27
C PHE B 50 15.41 -28.19 6.78
N GLN B 51 16.64 -28.18 7.26
CA GLN B 51 17.67 -27.31 6.69
C GLN B 51 18.95 -28.11 6.58
N HIS B 52 19.41 -28.32 5.35
CA HIS B 52 20.60 -29.16 5.22
C HIS B 52 21.83 -28.44 5.73
N ALA B 53 22.77 -29.20 6.30
CA ALA B 53 24.01 -28.62 6.80
C ALA B 53 24.81 -27.97 5.68
N ASP B 54 24.83 -28.58 4.50
CA ASP B 54 25.68 -28.08 3.44
C ASP B 54 25.06 -26.91 2.68
N ASN B 55 23.73 -26.78 2.72
CA ASN B 55 23.05 -25.72 1.96
C ASN B 55 21.94 -25.19 2.85
N SER B 56 22.29 -24.23 3.71
CA SER B 56 21.27 -23.52 4.48
C SER B 56 20.26 -22.82 3.58
N SER B 57 20.50 -22.78 2.28
CA SER B 57 19.50 -22.28 1.35
C SER B 57 18.37 -23.31 1.21
N MET B 58 17.16 -22.79 1.02
N MET B 58 17.16 -22.77 1.08
CA MET B 58 15.96 -23.63 1.00
CA MET B 58 15.95 -23.58 1.00
C MET B 58 15.77 -24.35 2.33
C MET B 58 15.72 -24.34 2.29
N ARG B 59 15.14 -23.67 3.28
CA ARG B 59 14.43 -24.41 4.32
C ARG B 59 13.18 -24.97 3.65
N TYR B 60 12.76 -26.19 4.01
CA TYR B 60 11.56 -26.76 3.40
C TYR B 60 10.91 -27.68 4.43
N GLY B 61 9.65 -28.04 4.21
CA GLY B 61 8.97 -28.87 5.21
C GLY B 61 7.56 -29.24 4.82
N TYR B 62 6.88 -29.92 5.77
CA TYR B 62 5.61 -30.59 5.49
C TYR B 62 4.65 -30.31 6.63
N TRP B 63 3.49 -29.74 6.29
CA TRP B 63 2.35 -29.64 7.19
C TRP B 63 1.54 -30.92 7.13
N PHE B 64 1.20 -31.46 8.31
CA PHE B 64 0.49 -32.72 8.38
C PHE B 64 -0.33 -32.77 9.66
N ASP B 65 -1.26 -33.73 9.67
CA ASP B 65 -2.15 -34.02 10.81
C ASP B 65 -2.20 -35.54 10.90
N CYS B 66 -1.62 -36.10 11.97
CA CYS B 66 -1.52 -37.54 12.15
C CYS B 66 -2.87 -38.23 12.21
N ARG B 67 -3.95 -37.50 12.39
CA ARG B 67 -5.25 -38.15 12.34
C ARG B 67 -5.64 -38.52 10.91
N MET B 68 -4.97 -37.96 9.91
N MET B 68 -4.96 -37.96 9.91
CA MET B 68 -5.35 -38.14 8.51
CA MET B 68 -5.36 -38.15 8.51
C MET B 68 -4.59 -39.25 7.81
C MET B 68 -4.58 -39.25 7.80
N GLY B 69 -3.72 -39.98 8.50
CA GLY B 69 -2.98 -41.06 7.88
C GLY B 69 -1.69 -41.31 8.62
N ASN B 70 -0.99 -42.37 8.18
CA ASN B 70 0.32 -42.72 8.72
C ASN B 70 1.41 -42.19 7.79
N PHE B 71 2.22 -41.27 8.30
CA PHE B 71 3.21 -40.58 7.49
C PHE B 71 4.62 -40.89 7.98
N TYR B 72 5.54 -40.94 7.03
CA TYR B 72 6.95 -41.16 7.33
C TYR B 72 7.80 -40.29 6.43
N ILE B 73 9.10 -40.24 6.77
CA ILE B 73 10.08 -39.44 6.01
C ILE B 73 11.13 -40.38 5.41
N GLN B 74 11.50 -40.10 4.15
CA GLN B 74 12.51 -40.90 3.50
C GLN B 74 13.30 -39.97 2.61
N TYR B 75 14.61 -40.01 2.74
CA TYR B 75 15.47 -39.20 1.89
C TYR B 75 15.44 -39.74 0.46
N ASP B 76 15.29 -38.83 -0.51
CA ASP B 76 15.41 -39.14 -1.93
C ASP B 76 16.75 -38.62 -2.48
N PRO B 77 17.69 -39.51 -2.83
CA PRO B 77 19.00 -39.04 -3.32
C PRO B 77 18.97 -38.46 -4.72
N LYS B 78 17.88 -38.60 -5.47
CA LYS B 78 17.81 -38.01 -6.80
C LYS B 78 17.36 -36.56 -6.70
N ASP B 79 16.24 -36.32 -6.00
CA ASP B 79 15.77 -34.96 -5.77
C ASP B 79 16.47 -34.28 -4.60
N GLY B 80 17.24 -35.02 -3.80
CA GLY B 80 18.09 -34.41 -2.81
C GLY B 80 17.32 -33.79 -1.66
N LEU B 81 16.23 -34.43 -1.25
CA LEU B 81 15.58 -33.93 -0.05
C LEU B 81 14.86 -35.03 0.69
N TYR B 82 14.59 -34.70 1.93
CA TYR B 82 13.76 -35.55 2.79
C TYR B 82 12.31 -35.38 2.38
N LYS B 83 11.66 -36.48 1.95
CA LYS B 83 10.29 -36.42 1.46
C LYS B 83 9.33 -37.06 2.45
N MET B 84 8.19 -36.42 2.68
CA MET B 84 7.13 -37.07 3.41
C MET B 84 6.38 -38.00 2.47
N MET B 85 5.99 -39.16 2.98
CA MET B 85 5.22 -40.15 2.27
C MET B 85 4.15 -40.71 3.20
N GLU B 86 3.09 -41.27 2.59
CA GLU B 86 2.04 -41.96 3.34
C GLU B 86 2.22 -43.47 3.18
N GLU B 87 2.12 -44.20 4.31
CA GLU B 87 2.08 -45.65 4.33
C GLU B 87 0.62 -46.07 4.49
N ARG B 88 0.10 -46.79 3.49
CA ARG B 88 -1.29 -47.22 3.54
C ARG B 88 -1.46 -48.54 4.31
N ASP B 89 -0.42 -49.37 4.35
CA ASP B 89 -0.44 -50.65 5.08
C ASP B 89 -0.27 -50.38 6.57
N GLY B 90 -1.38 -50.31 7.30
CA GLY B 90 -1.33 -49.93 8.70
C GLY B 90 -0.54 -50.89 9.57
N ALA B 91 -0.55 -52.19 9.21
CA ALA B 91 0.19 -53.18 9.99
C ALA B 91 1.69 -53.06 9.74
N LYS B 92 2.08 -52.84 8.49
CA LYS B 92 3.48 -52.58 8.19
C LYS B 92 3.98 -51.37 8.98
N PHE B 93 3.15 -50.35 9.11
CA PHE B 93 3.57 -49.11 9.75
C PHE B 93 3.70 -49.30 11.26
N GLU B 94 2.71 -49.94 11.89
CA GLU B 94 2.80 -50.19 13.33
C GLU B 94 4.02 -51.02 13.66
N ASN B 95 4.37 -51.95 12.77
CA ASN B 95 5.49 -52.84 13.02
C ASN B 95 6.82 -52.12 12.84
N ILE B 96 6.90 -51.23 11.85
CA ILE B 96 8.09 -50.40 11.69
C ILE B 96 8.29 -49.53 12.93
N VAL B 97 7.24 -48.83 13.36
CA VAL B 97 7.38 -47.91 14.48
C VAL B 97 7.73 -48.66 15.76
N HIS B 98 7.03 -49.77 16.02
CA HIS B 98 7.31 -50.52 17.24
C HIS B 98 8.79 -50.96 17.30
N ASN B 99 9.35 -51.42 16.19
CA ASN B 99 10.76 -51.83 16.19
C ASN B 99 11.68 -50.63 16.46
N PHE B 100 11.40 -49.48 15.81
CA PHE B 100 12.25 -48.31 16.01
C PHE B 100 12.12 -47.78 17.44
N LYS B 101 10.93 -47.84 18.03
CA LYS B 101 10.76 -47.46 19.42
C LYS B 101 11.49 -48.44 20.35
N GLU B 102 11.38 -49.74 20.08
CA GLU B 102 12.07 -50.72 20.93
C GLU B 102 13.57 -50.45 20.95
N ARG B 103 14.14 -50.12 19.80
CA ARG B 103 15.56 -49.83 19.68
C ARG B 103 15.90 -48.39 20.08
N GLN B 104 14.92 -47.60 20.53
CA GLN B 104 15.10 -46.23 21.02
C GLN B 104 15.85 -45.36 20.01
N MET B 105 15.43 -45.46 18.75
CA MET B 105 16.06 -44.70 17.68
C MET B 105 15.32 -43.40 17.37
N MET B 106 14.39 -42.99 18.23
CA MET B 106 13.53 -41.84 17.95
C MET B 106 13.67 -40.75 19.00
N VAL B 107 13.56 -39.51 18.55
CA VAL B 107 13.45 -38.36 19.46
C VAL B 107 12.01 -38.21 19.89
N SER B 108 11.81 -37.73 21.11
CA SER B 108 10.49 -37.52 21.66
C SER B 108 10.08 -36.07 21.45
N TYR B 109 8.87 -35.89 20.92
CA TYR B 109 8.31 -34.54 20.82
C TYR B 109 8.35 -33.94 22.23
N PRO B 110 9.08 -32.86 22.43
CA PRO B 110 9.48 -32.52 23.79
C PRO B 110 8.62 -31.44 24.39
N LYS B 111 7.33 -31.73 24.57
CA LYS B 111 6.39 -30.74 25.04
C LYS B 111 6.39 -30.67 26.57
N ILE B 112 6.61 -29.47 27.08
CA ILE B 112 6.39 -29.16 28.49
C ILE B 112 4.88 -29.09 28.75
N ASP B 113 4.46 -29.64 29.90
CA ASP B 113 3.02 -29.78 30.13
C ASP B 113 2.34 -28.44 30.35
N GLU B 114 3.02 -27.50 31.01
CA GLU B 114 2.49 -26.14 31.15
C GLU B 114 2.31 -25.43 29.82
N ASP B 115 2.96 -25.91 28.76
CA ASP B 115 3.23 -25.11 27.58
C ASP B 115 2.08 -25.19 26.57
N ASP B 116 1.40 -24.07 26.33
CA ASP B 116 0.36 -24.00 25.33
C ASP B 116 0.84 -23.32 24.04
N THR B 117 2.15 -23.13 23.88
CA THR B 117 2.62 -22.33 22.74
C THR B 117 2.07 -22.85 21.42
N TRP B 118 2.23 -24.15 21.15
CA TRP B 118 1.86 -24.62 19.82
C TRP B 118 0.34 -24.52 19.59
N TYR B 119 -0.47 -24.91 20.59
CA TYR B 119 -1.90 -24.64 20.51
C TYR B 119 -2.17 -23.18 20.18
N ASN B 120 -1.48 -22.29 20.87
CA ASN B 120 -1.80 -20.87 20.73
C ASN B 120 -1.39 -20.35 19.36
N LEU B 121 -0.40 -20.96 18.71
CA LEU B 121 0.03 -20.56 17.37
C LEU B 121 -0.80 -21.18 16.26
N THR B 122 -1.56 -22.26 16.56
CA THR B 122 -2.25 -23.05 15.55
C THR B 122 -3.74 -23.21 15.87
N GLU B 123 -4.31 -22.40 16.76
CA GLU B 123 -5.69 -22.50 17.26
C GLU B 123 -6.70 -22.62 16.11
N PHE B 124 -6.58 -21.79 15.07
CA PHE B 124 -7.53 -21.75 13.92
C PHE B 124 -6.97 -22.39 12.65
N VAL B 125 -5.75 -22.91 12.69
CA VAL B 125 -5.13 -23.55 11.50
C VAL B 125 -5.92 -24.85 11.25
N GLN B 126 -6.26 -25.15 9.99
N GLN B 126 -6.25 -25.15 9.99
CA GLN B 126 -7.01 -26.37 9.61
CA GLN B 126 -7.01 -26.36 9.60
C GLN B 126 -6.17 -27.09 8.55
C GLN B 126 -6.20 -27.09 8.53
N MET B 127 -6.17 -28.51 8.66
CA MET B 127 -5.23 -29.07 7.55
C MET B 127 -6.00 -29.32 6.26
N ASP B 128 -7.33 -29.46 6.36
CA ASP B 128 -8.24 -29.66 5.21
C ASP B 128 -8.36 -28.33 4.45
N LYS B 129 -8.17 -27.19 5.11
CA LYS B 129 -8.24 -25.84 4.46
C LYS B 129 -6.89 -25.46 3.85
N ILE B 130 -5.83 -26.24 4.09
CA ILE B 130 -4.49 -26.09 3.46
C ILE B 130 -4.52 -26.75 2.06
N ARG B 131 -5.64 -27.45 1.70
CA ARG B 131 -6.08 -27.94 0.36
C ARG B 131 -6.59 -26.75 -0.50
N LYS B 132 -6.76 -25.54 0.06
CA LYS B 132 -7.06 -24.29 -0.69
C LYS B 132 -5.75 -23.55 -1.02
N ILE B 133 -4.85 -23.40 -0.05
CA ILE B 133 -3.54 -22.70 -0.20
C ILE B 133 -2.54 -23.52 -1.04
N VAL B 134 -2.43 -24.83 -0.81
CA VAL B 134 -1.44 -25.71 -1.50
C VAL B 134 -2.16 -27.00 -1.93
N ARG B 135 -2.92 -26.91 -3.02
CA ARG B 135 -3.68 -28.04 -3.61
C ARG B 135 -2.74 -28.87 -4.51
N LYS B 136 -1.91 -29.73 -3.91
CA LYS B 136 -0.93 -30.62 -4.61
C LYS B 136 -1.64 -31.97 -4.81
N ASP B 137 -2.75 -31.88 -5.54
CA ASP B 137 -3.86 -32.85 -5.75
C ASP B 137 -3.67 -34.04 -4.80
N GLU B 138 -3.02 -35.14 -5.18
CA GLU B 138 -2.87 -36.32 -4.27
C GLU B 138 -2.48 -36.05 -2.80
N ASN B 139 -1.71 -35.03 -2.41
CA ASN B 139 -1.12 -35.05 -1.04
C ASN B 139 -2.05 -34.71 0.14
N GLN B 140 -2.05 -35.50 1.22
CA GLN B 140 -2.80 -35.25 2.48
C GLN B 140 -2.00 -34.25 3.32
N PHE B 141 -0.69 -34.29 3.17
CA PHE B 141 0.25 -33.35 3.81
C PHE B 141 0.56 -32.29 2.76
N SER B 142 1.15 -31.16 3.18
CA SER B 142 1.43 -29.95 2.34
C SER B 142 2.88 -29.44 2.42
N TYR B 143 3.65 -29.52 1.33
CA TYR B 143 5.05 -29.06 1.24
C TYR B 143 5.11 -27.53 1.17
N VAL B 144 6.03 -26.91 1.91
CA VAL B 144 6.25 -25.46 1.85
C VAL B 144 7.76 -25.26 1.85
N ASP B 145 8.26 -24.36 1.04
CA ASP B 145 9.67 -24.01 1.22
C ASP B 145 9.88 -22.49 1.12
N SER B 146 11.14 -22.08 1.34
CA SER B 146 11.49 -20.67 1.47
C SER B 146 11.16 -19.88 0.20
N SER B 147 11.29 -20.51 -0.97
CA SER B 147 11.23 -19.79 -2.23
C SER B 147 9.83 -19.72 -2.84
N MET B 148 8.91 -20.50 -2.31
CA MET B 148 7.55 -20.60 -2.87
C MET B 148 6.94 -19.22 -3.03
N THR B 149 6.41 -18.91 -4.23
CA THR B 149 5.79 -17.62 -4.48
C THR B 149 4.33 -17.78 -4.08
N THR B 150 3.65 -16.67 -3.99
CA THR B 150 2.20 -16.67 -3.77
C THR B 150 1.52 -16.77 -5.14
N VAL B 151 0.27 -17.23 -5.23
CA VAL B 151 -0.48 -17.23 -6.52
C VAL B 151 -0.62 -15.77 -6.97
N GLN B 152 -0.92 -14.85 -6.05
CA GLN B 152 -1.11 -13.41 -6.38
C GLN B 152 0.14 -12.85 -7.08
N GLU B 153 1.33 -13.21 -6.57
CA GLU B 153 2.67 -12.72 -7.01
C GLU B 153 3.01 -13.15 -8.43
N ASN B 154 2.39 -14.24 -8.93
CA ASN B 154 2.49 -14.73 -10.32
C ASN B 154 2.00 -13.64 -11.30
N GLU B 155 1.06 -12.79 -10.87
CA GLU B 155 0.49 -11.59 -11.54
C GLU B 155 1.23 -10.26 -11.23
N LEU B 156 1.99 -9.97 -10.14
CA LEU B 156 2.81 -8.77 -10.25
C LEU B 156 4.25 -9.15 -10.63
N SER B 161 6.55 -18.29 -11.45
CA SER B 161 5.35 -18.17 -12.27
C SER B 161 4.70 -19.54 -12.51
N ASP B 162 4.57 -20.22 -11.34
CA ASP B 162 4.02 -21.60 -11.10
C ASP B 162 2.90 -21.71 -10.02
N PRO B 163 1.56 -21.51 -10.26
CA PRO B 163 0.51 -21.57 -9.17
C PRO B 163 -0.04 -22.88 -8.51
N ALA B 164 0.29 -24.09 -8.95
CA ALA B 164 -0.20 -25.31 -8.24
C ALA B 164 0.80 -25.71 -7.14
N HIS B 165 2.04 -25.24 -7.26
CA HIS B 165 3.14 -25.42 -6.29
C HIS B 165 3.50 -24.06 -5.70
N SER B 166 2.46 -23.28 -5.35
CA SER B 166 2.58 -21.93 -4.78
C SER B 166 1.64 -21.80 -3.58
N LEU B 167 1.63 -20.63 -2.98
CA LEU B 167 0.76 -20.38 -1.83
C LEU B 167 -0.47 -19.64 -2.34
N ASN B 168 -1.60 -20.34 -2.42
N ASN B 168 -1.60 -20.34 -2.42
CA ASN B 168 -2.87 -19.71 -2.90
CA ASN B 168 -2.86 -19.71 -2.89
C ASN B 168 -3.53 -18.99 -1.71
C ASN B 168 -3.52 -19.00 -1.71
N TYR B 169 -2.84 -17.96 -1.19
CA TYR B 169 -3.45 -17.16 -0.07
C TYR B 169 -4.55 -16.28 -0.66
N THR B 170 -5.49 -15.83 0.16
CA THR B 170 -6.56 -14.90 -0.26
C THR B 170 -5.93 -13.59 -0.74
N VAL B 171 -6.33 -13.04 -1.89
CA VAL B 171 -5.72 -11.82 -2.47
C VAL B 171 -6.26 -10.59 -1.72
N ILE B 172 -5.44 -9.89 -0.94
CA ILE B 172 -5.86 -8.67 -0.25
C ILE B 172 -5.14 -7.51 -0.94
N ASN B 173 -5.89 -6.52 -1.41
CA ASN B 173 -5.24 -5.39 -2.08
C ASN B 173 -6.10 -4.16 -1.79
N PHE B 174 -5.54 -3.22 -1.01
CA PHE B 174 -6.30 -2.10 -0.47
C PHE B 174 -6.66 -1.08 -1.55
N LYS B 175 -6.00 -1.12 -2.69
CA LYS B 175 -6.30 -0.20 -3.81
C LYS B 175 -6.77 -1.04 -4.98
N SER B 176 -7.94 -1.65 -4.78
CA SER B 176 -8.54 -2.56 -5.74
C SER B 176 -10.03 -2.32 -5.75
N ARG B 177 -10.67 -2.65 -6.88
CA ARG B 177 -12.12 -2.50 -6.90
C ARG B 177 -12.79 -3.41 -5.87
N GLU B 178 -12.21 -4.57 -5.56
CA GLU B 178 -12.83 -5.41 -4.54
C GLU B 178 -12.90 -4.67 -3.20
N ALA B 179 -11.90 -3.85 -2.91
CA ALA B 179 -11.80 -3.20 -1.61
C ALA B 179 -12.56 -1.89 -1.53
N ILE B 180 -12.95 -1.32 -2.67
CA ILE B 180 -13.43 0.05 -2.72
C ILE B 180 -14.74 0.07 -3.48
N ARG B 181 -15.82 0.42 -2.79
CA ARG B 181 -17.14 0.54 -3.41
C ARG B 181 -17.20 1.84 -4.22
N PRO B 182 -17.63 1.78 -5.48
CA PRO B 182 -17.85 3.01 -6.23
C PRO B 182 -18.73 3.97 -5.46
N GLY B 183 -18.32 5.23 -5.39
CA GLY B 183 -19.03 6.22 -4.59
C GLY B 183 -18.66 6.25 -3.13
N HIS B 184 -17.92 5.24 -2.63
CA HIS B 184 -17.44 5.27 -1.26
C HIS B 184 -15.92 5.27 -1.22
N GLU B 185 -15.28 5.85 -2.24
CA GLU B 185 -13.83 5.76 -2.33
C GLU B 185 -13.15 6.20 -1.05
N MET B 186 -13.37 7.43 -0.61
CA MET B 186 -12.64 7.92 0.55
C MET B 186 -13.04 7.12 1.79
N GLU B 187 -14.33 6.88 1.94
CA GLU B 187 -14.82 6.16 3.11
C GLU B 187 -14.19 4.78 3.21
N ASP B 188 -14.21 4.03 2.11
CA ASP B 188 -13.74 2.64 2.16
C ASP B 188 -12.23 2.56 2.28
N PHE B 189 -11.49 3.54 1.76
CA PHE B 189 -10.04 3.50 1.83
C PHE B 189 -9.56 3.86 3.23
N LEU B 190 -10.22 4.79 3.89
CA LEU B 190 -9.78 5.23 5.21
C LEU B 190 -10.34 4.36 6.33
N ASP B 191 -11.46 3.67 6.09
CA ASP B 191 -12.10 2.75 7.02
C ASP B 191 -12.42 1.47 6.25
N LYS B 192 -11.62 0.42 6.45
CA LYS B 192 -11.77 -0.77 5.62
C LYS B 192 -12.81 -1.76 6.15
N SER B 193 -13.77 -1.31 6.97
CA SER B 193 -14.72 -2.23 7.61
C SER B 193 -15.56 -2.99 6.57
N TYR B 194 -15.95 -2.33 5.47
N TYR B 194 -15.99 -2.30 5.51
N TYR B 194 -15.98 -2.31 5.50
CA TYR B 194 -16.78 -3.05 4.51
CA TYR B 194 -16.72 -2.95 4.42
CA TYR B 194 -16.76 -3.01 4.48
C TYR B 194 -15.96 -4.12 3.79
C TYR B 194 -15.93 -4.13 3.89
C TYR B 194 -15.94 -4.14 3.86
N TYR B 195 -14.68 -3.88 3.54
CA TYR B 195 -13.82 -4.88 2.93
C TYR B 195 -13.59 -6.05 3.88
N LEU B 196 -13.35 -5.75 5.15
CA LEU B 196 -13.14 -6.81 6.14
C LEU B 196 -14.40 -7.62 6.36
N ASN B 197 -15.50 -6.93 6.69
CA ASN B 197 -16.68 -7.64 7.21
C ASN B 197 -17.55 -8.21 6.10
N THR B 198 -17.79 -7.44 5.05
CA THR B 198 -18.66 -7.90 3.96
C THR B 198 -17.90 -8.71 2.92
N VAL B 199 -16.81 -8.16 2.37
CA VAL B 199 -16.11 -8.82 1.29
C VAL B 199 -15.38 -10.07 1.80
N MET B 200 -14.59 -9.92 2.86
CA MET B 200 -13.70 -11.00 3.27
C MET B 200 -14.38 -11.96 4.23
N LEU B 201 -14.89 -11.48 5.35
CA LEU B 201 -15.43 -12.39 6.40
C LEU B 201 -16.75 -13.04 6.00
N GLN B 202 -17.66 -12.27 5.39
N GLN B 202 -17.66 -12.27 5.39
CA GLN B 202 -18.99 -12.81 5.02
CA GLN B 202 -18.99 -12.81 5.02
C GLN B 202 -18.92 -13.48 3.65
C GLN B 202 -18.93 -13.48 3.64
N GLY B 203 -18.10 -12.92 2.75
CA GLY B 203 -18.07 -13.48 1.36
C GLY B 203 -17.02 -14.54 1.08
N ILE B 204 -15.80 -14.43 1.60
CA ILE B 204 -14.68 -15.34 1.20
C ILE B 204 -14.36 -16.38 2.29
N PHE B 205 -13.92 -15.96 3.46
CA PHE B 205 -13.52 -16.85 4.58
C PHE B 205 -14.72 -17.65 5.12
N LYS B 206 -15.88 -16.97 5.31
CA LYS B 206 -17.21 -17.40 5.86
C LYS B 206 -17.33 -17.03 7.36
N ASN B 207 -16.23 -16.99 8.12
CA ASN B 207 -16.21 -16.69 9.54
C ASN B 207 -14.80 -16.30 9.96
N SER B 208 -14.69 -15.76 11.17
CA SER B 208 -13.42 -15.23 11.63
C SER B 208 -12.42 -16.34 11.92
N SER B 209 -12.90 -17.52 12.27
CA SER B 209 -12.02 -18.68 12.56
C SER B 209 -11.16 -18.93 11.32
N ASN B 210 -11.78 -18.91 10.14
CA ASN B 210 -11.09 -19.12 8.84
C ASN B 210 -10.11 -17.98 8.59
N TYR B 211 -10.50 -16.75 8.91
CA TYR B 211 -9.63 -15.55 8.73
C TYR B 211 -8.35 -15.72 9.57
N PHE B 212 -8.52 -16.15 10.81
CA PHE B 212 -7.41 -16.37 11.79
C PHE B 212 -6.54 -17.56 11.36
N GLY B 213 -7.14 -18.58 10.75
CA GLY B 213 -6.41 -19.79 10.30
C GLY B 213 -5.39 -19.48 9.21
N GLU B 214 -5.78 -18.70 8.20
CA GLU B 214 -4.85 -18.31 7.11
C GLU B 214 -3.79 -17.35 7.66
N LEU B 215 -4.20 -16.45 8.56
CA LEU B 215 -3.32 -15.45 9.20
C LEU B 215 -2.24 -16.20 10.01
N GLN B 216 -2.65 -17.23 10.76
CA GLN B 216 -1.73 -18.07 11.58
C GLN B 216 -0.82 -18.91 10.68
N PHE B 217 -1.38 -19.48 9.60
CA PHE B 217 -0.61 -20.30 8.62
C PHE B 217 0.43 -19.42 7.91
N ALA B 218 0.05 -18.19 7.58
CA ALA B 218 0.94 -17.22 6.90
C ALA B 218 2.11 -16.90 7.85
N PHE B 219 1.82 -16.55 9.11
CA PHE B 219 2.90 -16.29 10.05
C PHE B 219 3.85 -17.48 10.17
N LEU B 220 3.31 -18.69 10.35
CA LEU B 220 4.19 -19.83 10.59
C LEU B 220 5.09 -20.12 9.39
N ASN B 221 4.59 -19.93 8.16
CA ASN B 221 5.44 -20.12 6.99
CA ASN B 221 5.42 -20.12 6.97
C ASN B 221 6.51 -19.06 6.90
N ALA B 222 6.17 -17.81 7.26
CA ALA B 222 7.19 -16.77 7.32
C ALA B 222 8.27 -17.10 8.34
N MET B 223 7.88 -17.56 9.53
CA MET B 223 8.84 -17.82 10.58
C MET B 223 9.69 -19.06 10.29
N PHE B 224 9.05 -20.15 9.87
CA PHE B 224 9.83 -21.38 9.75
C PHE B 224 10.60 -21.48 8.44
N PHE B 225 10.15 -20.81 7.39
CA PHE B 225 10.80 -20.95 6.08
C PHE B 225 11.35 -19.63 5.56
N GLY B 226 11.12 -18.53 6.26
CA GLY B 226 11.53 -17.23 5.73
C GLY B 226 10.81 -16.91 4.44
N ASN B 227 9.60 -17.41 4.29
CA ASN B 227 8.84 -17.24 3.06
C ASN B 227 8.30 -15.82 3.01
N TYR B 228 8.81 -15.03 2.06
CA TYR B 228 8.56 -13.59 2.04
C TYR B 228 7.11 -13.28 1.72
N GLY B 229 6.52 -14.00 0.77
CA GLY B 229 5.11 -13.77 0.45
C GLY B 229 4.18 -14.10 1.59
N SER B 230 4.55 -15.10 2.38
CA SER B 230 3.80 -15.41 3.59
C SER B 230 3.89 -14.26 4.60
N SER B 231 5.07 -13.66 4.75
CA SER B 231 5.16 -12.51 5.64
C SER B 231 4.27 -11.37 5.15
N LEU B 232 4.28 -11.11 3.84
CA LEU B 232 3.39 -10.09 3.29
C LEU B 232 1.93 -10.35 3.62
N GLN B 233 1.51 -11.62 3.47
CA GLN B 233 0.12 -11.99 3.72
C GLN B 233 -0.25 -11.77 5.20
N TRP B 234 0.60 -12.26 6.11
CA TRP B 234 0.38 -12.04 7.55
C TRP B 234 0.16 -10.56 7.85
N HIS B 235 1.07 -9.69 7.35
CA HIS B 235 0.93 -8.27 7.68
C HIS B 235 -0.32 -7.67 7.04
N ALA B 236 -0.68 -8.13 5.84
CA ALA B 236 -1.88 -7.58 5.19
C ALA B 236 -3.11 -7.93 5.98
N MET B 237 -3.16 -9.14 6.51
CA MET B 237 -4.36 -9.55 7.25
C MET B 237 -4.47 -8.85 8.59
N ILE B 238 -3.33 -8.52 9.20
CA ILE B 238 -3.33 -7.71 10.40
C ILE B 238 -3.81 -6.32 10.06
N GLU B 239 -3.21 -5.73 9.04
CA GLU B 239 -3.51 -4.34 8.71
C GLU B 239 -4.96 -4.16 8.32
N LEU B 240 -5.54 -5.15 7.62
CA LEU B 240 -6.97 -5.01 7.27
C LEU B 240 -7.86 -4.92 8.51
N ILE B 241 -7.56 -5.69 9.55
CA ILE B 241 -8.33 -5.57 10.78
C ILE B 241 -8.05 -4.24 11.46
N CYS B 242 -6.79 -3.85 11.58
CA CYS B 242 -6.48 -2.67 12.38
C CYS B 242 -7.02 -1.42 11.72
N SER B 243 -7.10 -1.42 10.39
CA SER B 243 -7.62 -0.29 9.60
C SER B 243 -9.13 -0.31 9.43
N SER B 244 -9.84 -1.16 10.16
CA SER B 244 -11.30 -1.19 10.16
C SER B 244 -11.81 -0.57 11.46
N ALA B 245 -12.67 0.45 11.35
CA ALA B 245 -13.23 1.05 12.54
C ALA B 245 -14.23 0.13 13.23
N THR B 246 -14.83 -0.79 12.49
CA THR B 246 -15.91 -1.63 13.02
C THR B 246 -15.48 -3.09 12.89
N VAL B 247 -15.14 -3.69 14.02
CA VAL B 247 -14.67 -5.07 14.10
C VAL B 247 -15.39 -5.72 15.29
N PRO B 248 -15.95 -6.92 15.12
CA PRO B 248 -16.52 -7.62 16.28
C PRO B 248 -15.57 -7.70 17.47
N LYS B 249 -16.12 -7.48 18.67
CA LYS B 249 -15.29 -7.31 19.84
C LYS B 249 -14.51 -8.58 20.13
N HIS B 250 -15.15 -9.74 19.90
CA HIS B 250 -14.48 -11.02 20.10
C HIS B 250 -13.32 -11.22 19.13
N MET B 251 -13.41 -10.67 17.92
CA MET B 251 -12.30 -10.80 16.99
C MET B 251 -11.09 -10.00 17.46
N LEU B 252 -11.33 -8.80 18.00
CA LEU B 252 -10.20 -7.97 18.44
C LEU B 252 -9.51 -8.61 19.62
N ASP B 253 -10.28 -9.13 20.56
CA ASP B 253 -9.68 -9.81 21.70
C ASP B 253 -8.91 -11.03 21.26
N LYS B 254 -9.47 -11.81 20.33
CA LYS B 254 -8.74 -12.97 19.86
C LYS B 254 -7.49 -12.57 19.10
N LEU B 255 -7.59 -11.51 18.27
CA LEU B 255 -6.41 -11.08 17.51
C LEU B 255 -5.28 -10.70 18.46
N ASP B 256 -5.59 -9.97 19.52
CA ASP B 256 -4.54 -9.60 20.48
C ASP B 256 -3.82 -10.82 21.02
N GLU B 257 -4.56 -11.90 21.31
CA GLU B 257 -3.94 -13.13 21.82
C GLU B 257 -3.09 -13.80 20.73
N ILE B 258 -3.64 -13.89 19.51
CA ILE B 258 -2.90 -14.50 18.41
C ILE B 258 -1.55 -13.82 18.23
N LEU B 259 -1.58 -12.50 18.06
CA LEU B 259 -0.37 -11.75 17.79
C LEU B 259 0.58 -11.80 18.96
N TYR B 260 0.06 -11.75 20.19
CA TYR B 260 0.93 -11.85 21.34
C TYR B 260 1.82 -13.09 21.24
N TYR B 261 1.21 -14.24 20.97
CA TYR B 261 1.99 -15.48 20.98
C TYR B 261 2.92 -15.57 19.76
N GLN B 262 2.56 -14.93 18.65
CA GLN B 262 3.44 -14.88 17.49
C GLN B 262 4.66 -14.06 17.81
N ILE B 263 4.46 -12.87 18.40
CA ILE B 263 5.59 -12.00 18.75
C ILE B 263 6.45 -12.68 19.83
N LYS B 264 5.79 -13.37 20.77
CA LYS B 264 6.56 -14.06 21.80
C LYS B 264 7.50 -15.11 21.21
N THR B 265 7.02 -15.84 20.20
CA THR B 265 7.76 -16.99 19.67
C THR B 265 8.80 -16.55 18.64
N LEU B 266 8.63 -15.40 18.02
CA LEU B 266 9.55 -14.99 16.95
C LEU B 266 10.99 -14.95 17.47
N PRO B 267 11.95 -15.53 16.73
CA PRO B 267 13.35 -15.41 17.15
C PRO B 267 13.76 -13.95 17.24
N GLU B 268 14.47 -13.62 18.31
CA GLU B 268 14.82 -12.22 18.55
C GLU B 268 15.65 -11.66 17.41
N GLN B 269 16.52 -12.49 16.82
CA GLN B 269 17.43 -12.04 15.78
C GLN B 269 16.80 -11.96 14.39
N TYR B 270 15.54 -12.41 14.22
CA TYR B 270 14.87 -12.35 12.93
C TYR B 270 13.85 -11.22 12.85
N SER B 271 13.73 -10.41 13.91
CA SER B 271 12.72 -9.36 13.92
C SER B 271 12.96 -8.33 12.81
N ASP B 272 14.22 -8.13 12.42
CA ASP B 272 14.55 -7.14 11.40
C ASP B 272 13.88 -7.46 10.08
N ILE B 273 13.82 -8.74 9.70
CA ILE B 273 13.31 -9.14 8.40
C ILE B 273 11.85 -9.58 8.46
N LEU B 274 11.39 -10.10 9.59
CA LEU B 274 10.03 -10.63 9.67
C LEU B 274 8.99 -9.61 10.15
N LEU B 275 9.37 -8.41 10.55
CA LEU B 275 8.43 -7.43 11.05
C LEU B 275 8.50 -6.16 10.21
N ASN B 276 7.35 -5.73 9.70
CA ASN B 276 7.25 -4.54 8.88
C ASN B 276 7.00 -3.33 9.79
N GLU B 277 8.01 -2.47 9.90
CA GLU B 277 7.91 -1.28 10.75
C GLU B 277 6.63 -0.50 10.52
N ARG B 278 6.30 -0.25 9.25
CA ARG B 278 5.16 0.61 8.93
C ARG B 278 3.86 0.02 9.44
N VAL B 279 3.62 -1.25 9.16
CA VAL B 279 2.37 -1.87 9.57
C VAL B 279 2.24 -1.86 11.09
N TRP B 280 3.32 -2.20 11.80
CA TRP B 280 3.19 -2.33 13.25
C TRP B 280 3.00 -0.96 13.90
N ASN B 281 3.73 0.05 13.45
CA ASN B 281 3.51 1.38 14.05
C ASN B 281 2.12 1.91 13.74
N ILE B 282 1.66 1.75 12.50
CA ILE B 282 0.30 2.13 12.15
C ILE B 282 -0.70 1.39 13.03
N CYS B 283 -0.55 0.06 13.12
CA CYS B 283 -1.54 -0.75 13.83
C CYS B 283 -1.60 -0.41 15.32
N LEU B 284 -0.45 -0.23 15.95
CA LEU B 284 -0.40 -0.01 17.39
C LEU B 284 -0.59 1.44 17.80
N TYR B 285 -0.31 2.40 16.91
CA TYR B 285 -0.28 3.81 17.32
C TYR B 285 -1.17 4.74 16.50
N SER B 286 -1.56 4.39 15.28
CA SER B 286 -2.36 5.28 14.44
C SER B 286 -3.75 4.74 14.12
N SER B 287 -3.92 3.43 14.10
CA SER B 287 -5.11 2.83 13.51
C SER B 287 -6.31 2.95 14.45
N PHE B 288 -7.46 2.55 13.91
CA PHE B 288 -8.66 2.52 14.71
C PHE B 288 -8.50 1.63 15.93
N GLN B 289 -7.67 0.60 15.81
CA GLN B 289 -7.55 -0.41 16.86
C GLN B 289 -6.32 -0.17 17.73
N LYS B 290 -5.74 1.04 17.66
CA LYS B 290 -4.54 1.38 18.41
C LYS B 290 -4.66 1.11 19.91
N ASN B 291 -5.89 1.12 20.43
CA ASN B 291 -6.13 0.93 21.86
C ASN B 291 -6.75 -0.42 22.16
N SER B 292 -6.75 -1.34 21.19
CA SER B 292 -7.48 -2.60 21.31
C SER B 292 -6.56 -3.80 21.41
N LEU B 293 -5.25 -3.60 21.37
CA LEU B 293 -4.32 -4.74 21.31
C LEU B 293 -3.35 -4.64 22.48
N HIS B 294 -3.88 -4.69 23.69
CA HIS B 294 -3.05 -4.34 24.84
C HIS B 294 -1.93 -5.32 25.05
N ASN B 295 -2.22 -6.62 24.91
CA ASN B 295 -1.20 -7.63 25.16
C ASN B 295 -0.10 -7.53 24.10
N THR B 296 -0.49 -7.39 22.83
CA THR B 296 0.47 -7.30 21.75
C THR B 296 1.32 -6.04 21.89
N GLU B 297 0.69 -4.91 22.20
CA GLU B 297 1.45 -3.67 22.32
C GLU B 297 2.48 -3.78 23.44
N LYS B 298 2.09 -4.37 24.57
CA LYS B 298 3.03 -4.50 25.67
C LYS B 298 4.19 -5.40 25.31
N ILE B 299 3.96 -6.54 24.63
CA ILE B 299 5.09 -7.39 24.36
C ILE B 299 5.97 -6.76 23.27
N MET B 300 5.36 -6.10 22.30
CA MET B 300 6.13 -5.43 21.25
C MET B 300 7.04 -4.35 21.82
N GLU B 301 6.49 -3.51 22.70
CA GLU B 301 7.27 -2.45 23.32
C GLU B 301 8.39 -2.96 24.21
N ASN B 302 8.24 -4.14 24.82
CA ASN B 302 9.30 -4.62 25.71
C ASN B 302 10.35 -5.46 24.99
N LYS B 303 9.99 -6.06 23.86
CA LYS B 303 10.87 -6.95 23.14
C LYS B 303 11.48 -6.33 21.90
N TYR B 304 10.76 -5.43 21.22
CA TYR B 304 11.27 -4.80 20.00
C TYR B 304 11.00 -3.30 20.01
N PRO B 305 11.44 -2.57 21.04
CA PRO B 305 11.18 -1.13 21.06
C PRO B 305 11.94 -0.38 19.98
N GLU B 306 12.98 -0.99 19.40
CA GLU B 306 13.70 -0.34 18.30
C GLU B 306 12.78 -0.14 17.10
N LEU B 307 12.11 -1.21 16.70
CA LEU B 307 11.18 -1.14 15.58
C LEU B 307 10.16 -0.02 15.72
N LEU B 308 9.92 0.46 16.93
CA LEU B 308 8.90 1.48 17.15
C LEU B 308 9.52 2.78 17.68
N1 VYZ C . -5.76 -22.59 7.54
C7 VYZ C . -8.60 -20.93 5.76
O1 VYZ C . -6.30 -22.91 8.55
C1 VYZ C . -10.00 -19.62 3.52
C5 VYZ C . -6.54 -21.89 6.51
C6 VYZ C . -7.88 -21.61 6.73
C4 VYZ C . -5.91 -21.51 5.34
C3 VYZ C . -6.62 -20.84 4.37
C2 VYZ C . -7.97 -20.55 4.57
O2 VYZ C . -4.60 -22.80 7.32
N VYZ C . -8.64 -19.85 3.56
O VYZ C . -10.75 -20.03 4.38
C VYZ C . -10.47 -18.84 2.31
#